data_3IWC
#
_entry.id   3IWC
#
_cell.length_a   105.204
_cell.length_b   105.204
_cell.length_c   70.062
_cell.angle_alpha   90.000
_cell.angle_beta   90.000
_cell.angle_gamma   120.000
#
_symmetry.space_group_name_H-M   'H 3'
#
loop_
_entity.id
_entity.type
_entity.pdbx_description
1 polymer 'S-adenosylmethionine decarboxylase'
2 polymer 'S-adenosylmethionine decarboxylase'
3 non-polymer 'S-ADENOSYLMETHIONINE METHYL ESTER'
4 water water
#
loop_
_entity_poly.entity_id
_entity_poly.type
_entity_poly.pdbx_seq_one_letter_code
_entity_poly.pdbx_strand_id
1 'polypeptide(L)' MKSLGRHLVAEFYECDREVLDNVQLIEQEMKQAAYESGATIVTSTFHRFLPYGVSGVVVISE B,D
2 'polypeptide(L)' (PYR)HLTIHTWPEYGYAAIDLFTCGEDVDPWKAFEHLKKALKAKRVHVVEHERGRYDEIGIPEDSPHKAAV A,C
#
loop_
_chem_comp.id
_chem_comp.type
_chem_comp.name
_chem_comp.formula
PYR non-polymer 'PYRUVIC ACID' 'C3 H4 O3'
SMM non-polymer 'S-ADENOSYLMETHIONINE METHYL ESTER' 'C16 H26 N6 O5 S'
#
# COMPACT_ATOMS: atom_id res chain seq x y z
N LYS A 2 9.08 17.73 -5.87
CA LYS A 2 7.87 17.74 -6.73
C LYS A 2 6.67 17.21 -5.94
N SER A 3 6.93 16.21 -5.10
CA SER A 3 5.89 15.60 -4.28
C SER A 3 6.49 14.95 -3.04
N LEU A 4 5.66 14.69 -2.03
CA LEU A 4 6.12 14.08 -0.80
C LEU A 4 6.59 12.65 -1.04
N GLY A 5 5.90 11.94 -1.92
CA GLY A 5 6.29 10.57 -2.20
C GLY A 5 6.16 10.15 -3.64
N ARG A 6 6.80 9.02 -3.95
CA ARG A 6 6.78 8.43 -5.29
C ARG A 6 6.20 7.03 -5.04
N HIS A 7 5.17 6.66 -5.80
CA HIS A 7 4.51 5.38 -5.62
C HIS A 7 4.34 4.59 -6.92
N LEU A 8 4.95 3.42 -6.98
CA LEU A 8 4.86 2.56 -8.15
C LEU A 8 3.81 1.49 -7.88
N VAL A 9 2.78 1.44 -8.72
CA VAL A 9 1.73 0.45 -8.61
C VAL A 9 2.09 -0.52 -9.74
N ALA A 10 2.57 -1.70 -9.35
CA ALA A 10 3.05 -2.69 -10.31
C ALA A 10 2.33 -4.03 -10.43
N GLU A 11 2.21 -4.47 -11.68
CA GLU A 11 1.61 -5.76 -12.00
C GLU A 11 2.76 -6.63 -12.46
N PHE A 12 3.04 -7.73 -11.76
CA PHE A 12 4.11 -8.65 -12.17
C PHE A 12 3.45 -9.91 -12.74
N TYR A 13 3.79 -10.25 -13.98
CA TYR A 13 3.21 -11.41 -14.65
C TYR A 13 4.23 -12.49 -14.95
N GLU A 14 3.76 -13.73 -15.07
CA GLU A 14 4.60 -14.88 -15.39
C GLU A 14 5.81 -15.06 -14.47
N CYS A 15 5.59 -14.91 -13.18
CA CYS A 15 6.65 -15.07 -12.19
C CYS A 15 6.92 -16.53 -11.88
N ASP A 16 8.01 -16.77 -11.15
CA ASP A 16 8.38 -18.12 -10.74
C ASP A 16 7.33 -18.44 -9.68
N ARG A 17 6.40 -19.34 -10.01
CA ARG A 17 5.33 -19.69 -9.09
C ARG A 17 5.77 -20.27 -7.76
N GLU A 18 6.92 -20.93 -7.72
CA GLU A 18 7.40 -21.49 -6.47
C GLU A 18 7.80 -20.34 -5.56
N VAL A 19 8.48 -19.36 -6.12
CA VAL A 19 8.90 -18.20 -5.34
C VAL A 19 7.67 -17.45 -4.79
N LEU A 20 6.64 -17.28 -5.62
CA LEU A 20 5.45 -16.57 -5.17
C LEU A 20 4.74 -17.21 -3.97
N ASP A 21 4.88 -18.52 -3.82
CA ASP A 21 4.23 -19.24 -2.72
C ASP A 21 5.18 -19.56 -1.55
N ASN A 22 6.31 -18.87 -1.50
CA ASN A 22 7.32 -19.08 -0.45
C ASN A 22 7.36 -17.84 0.46
N VAL A 23 6.61 -17.89 1.55
CA VAL A 23 6.56 -16.76 2.47
C VAL A 23 7.91 -16.35 3.06
N GLN A 24 8.80 -17.32 3.23
CA GLN A 24 10.14 -17.07 3.78
C GLN A 24 10.99 -16.27 2.80
N LEU A 25 11.00 -16.72 1.55
CA LEU A 25 11.78 -16.06 0.50
C LEU A 25 11.23 -14.67 0.18
N ILE A 26 9.90 -14.54 0.15
CA ILE A 26 9.29 -13.25 -0.15
C ILE A 26 9.66 -12.20 0.89
N GLU A 27 9.63 -12.56 2.17
CA GLU A 27 9.96 -11.59 3.20
C GLU A 27 11.40 -11.15 3.02
N GLN A 28 12.26 -12.11 2.71
CA GLN A 28 13.67 -11.91 2.49
C GLN A 28 13.88 -10.90 1.32
N GLU A 29 13.24 -11.21 0.20
CA GLU A 29 13.41 -10.37 -0.97
C GLU A 29 12.78 -8.97 -0.81
N MET A 30 11.71 -8.87 -0.03
CA MET A 30 11.07 -7.58 0.19
C MET A 30 11.94 -6.69 1.05
N LYS A 31 12.55 -7.27 2.08
CA LYS A 31 13.43 -6.49 2.96
C LYS A 31 14.65 -6.03 2.15
N GLN A 32 15.15 -6.90 1.30
CA GLN A 32 16.30 -6.58 0.47
C GLN A 32 15.94 -5.44 -0.48
N ALA A 33 14.73 -5.48 -1.04
CA ALA A 33 14.29 -4.42 -1.95
C ALA A 33 14.23 -3.10 -1.19
N ALA A 34 13.81 -3.15 0.06
CA ALA A 34 13.73 -1.95 0.88
C ALA A 34 15.14 -1.41 1.03
N TYR A 35 16.07 -2.32 1.26
CA TYR A 35 17.47 -1.95 1.41
C TYR A 35 18.03 -1.32 0.13
N GLU A 36 17.78 -1.96 -1.01
CA GLU A 36 18.26 -1.46 -2.29
C GLU A 36 17.75 -0.05 -2.61
N SER A 37 16.55 0.26 -2.12
CA SER A 37 15.95 1.57 -2.36
C SER A 37 16.54 2.65 -1.46
N GLY A 38 17.20 2.24 -0.37
CA GLY A 38 17.78 3.21 0.54
C GLY A 38 16.84 3.60 1.66
N ALA A 39 15.69 2.94 1.71
CA ALA A 39 14.69 3.20 2.72
C ALA A 39 15.03 2.55 4.06
N THR A 40 14.52 3.13 5.14
CA THR A 40 14.72 2.59 6.48
C THR A 40 13.51 1.69 6.75
N ILE A 41 13.74 0.50 7.29
CA ILE A 41 12.65 -0.39 7.59
C ILE A 41 12.11 -0.10 8.97
N VAL A 42 10.81 0.07 9.09
CA VAL A 42 10.17 0.36 10.36
C VAL A 42 9.63 -0.93 10.88
N THR A 43 8.84 -1.59 10.04
CA THR A 43 8.30 -2.83 10.49
C THR A 43 8.00 -3.79 9.32
N SER A 44 7.75 -5.06 9.62
CA SER A 44 7.56 -6.02 8.53
C SER A 44 6.63 -7.12 8.99
N THR A 45 5.66 -7.46 8.16
CA THR A 45 4.71 -8.52 8.51
C THR A 45 4.24 -9.26 7.26
N PHE A 46 4.43 -10.57 7.27
CA PHE A 46 4.06 -11.42 6.14
C PHE A 46 3.16 -12.57 6.54
N HIS A 47 2.12 -12.80 5.74
CA HIS A 47 1.15 -13.86 5.99
C HIS A 47 1.12 -14.90 4.87
N ARG A 48 1.03 -16.18 5.26
CA ARG A 48 0.99 -17.28 4.31
C ARG A 48 -0.44 -17.82 4.22
N PHE A 49 -1.04 -17.70 3.03
CA PHE A 49 -2.41 -18.17 2.82
C PHE A 49 -2.45 -19.60 2.30
N LEU A 50 -3.55 -20.29 2.62
CA LEU A 50 -3.73 -21.66 2.17
C LEU A 50 -4.90 -21.69 1.20
N PRO A 51 -4.85 -22.58 0.19
CA PRO A 51 -3.77 -23.54 -0.12
C PRO A 51 -2.49 -22.89 -0.64
N TYR A 52 -2.61 -21.69 -1.18
CA TYR A 52 -1.48 -20.95 -1.71
C TYR A 52 -1.73 -19.45 -1.64
N GLY A 53 -0.66 -18.67 -1.79
CA GLY A 53 -0.79 -17.22 -1.73
C GLY A 53 0.07 -16.63 -0.63
N VAL A 54 0.53 -15.40 -0.84
CA VAL A 54 1.37 -14.73 0.16
C VAL A 54 1.12 -13.23 0.17
N SER A 55 0.92 -12.67 1.36
CA SER A 55 0.71 -11.24 1.53
C SER A 55 1.82 -10.70 2.42
N GLY A 56 2.29 -9.50 2.13
CA GLY A 56 3.36 -8.96 2.94
C GLY A 56 3.53 -7.47 2.82
N VAL A 57 3.95 -6.85 3.92
CA VAL A 57 4.15 -5.42 3.91
C VAL A 57 5.36 -5.00 4.71
N VAL A 58 6.13 -4.07 4.16
CA VAL A 58 7.29 -3.55 4.84
C VAL A 58 7.01 -2.05 4.96
N VAL A 59 6.74 -1.61 6.19
CA VAL A 59 6.49 -0.20 6.42
C VAL A 59 7.88 0.43 6.50
N ILE A 60 8.11 1.44 5.68
CA ILE A 60 9.40 2.10 5.63
C ILE A 60 9.33 3.58 5.96
N SER A 61 10.51 4.10 6.06
CA SER A 61 10.76 5.53 6.17
C SER A 61 12.02 5.94 5.40
N GLU A 62 12.14 7.28 5.36
CA GLU A 62 13.32 8.01 5.03
C GLU A 62 14.58 7.56 5.60
C PYR B 1 5.69 3.20 3.47
OXT PYR B 1 5.92 2.66 4.56
CA PYR B 1 5.83 4.65 3.38
CB PYR B 1 5.55 5.32 2.06
N HIS B 2 5.30 2.52 2.32
CA HIS B 2 5.24 1.09 2.46
C HIS B 2 5.80 0.43 1.20
N LEU B 3 6.35 -0.76 1.25
CA LEU B 3 6.45 -1.79 0.20
C LEU B 3 5.51 -2.95 0.45
N THR B 4 4.62 -3.24 -0.52
CA THR B 4 3.68 -4.35 -0.31
C THR B 4 3.65 -5.32 -1.47
N ILE B 5 3.29 -6.57 -1.17
CA ILE B 5 3.18 -7.61 -2.20
C ILE B 5 2.07 -8.58 -1.85
N HIS B 6 1.30 -8.96 -2.86
CA HIS B 6 0.21 -9.92 -2.72
C HIS B 6 0.38 -10.85 -3.92
N THR B 7 0.63 -12.12 -3.65
CA THR B 7 0.86 -13.08 -4.72
C THR B 7 -0.29 -14.05 -4.95
N TRP B 8 -0.42 -14.46 -6.21
CA TRP B 8 -1.42 -15.42 -6.64
C TRP B 8 -0.60 -16.44 -7.42
N PRO B 9 0.09 -17.33 -6.70
CA PRO B 9 0.95 -18.38 -7.29
C PRO B 9 0.25 -19.19 -8.36
N GLU B 10 -1.06 -19.37 -8.23
CA GLU B 10 -1.82 -20.14 -9.20
C GLU B 10 -1.93 -19.43 -10.55
N TYR B 11 -1.60 -18.13 -10.57
CA TYR B 11 -1.67 -17.36 -11.81
C TYR B 11 -0.31 -16.79 -12.20
N GLY B 12 0.70 -17.04 -11.37
CA GLY B 12 2.03 -16.52 -11.64
C GLY B 12 2.01 -15.01 -11.60
N TYR B 13 1.04 -14.47 -10.87
CA TYR B 13 0.83 -13.03 -10.73
C TYR B 13 1.14 -12.44 -9.35
N ALA B 14 1.69 -11.23 -9.33
CA ALA B 14 1.97 -10.56 -8.07
C ALA B 14 1.61 -9.09 -8.17
N ALA B 15 0.91 -8.58 -7.17
CA ALA B 15 0.52 -7.18 -7.11
C ALA B 15 1.50 -6.54 -6.15
N ILE B 16 2.32 -5.66 -6.68
CA ILE B 16 3.36 -5.02 -5.90
C ILE B 16 3.22 -3.50 -5.85
N ASP B 17 3.36 -2.93 -4.65
CA ASP B 17 3.29 -1.49 -4.49
C ASP B 17 4.58 -1.01 -3.82
N LEU B 18 5.24 -0.04 -4.45
CA LEU B 18 6.48 0.51 -3.92
C LEU B 18 6.26 2.01 -3.71
N PHE B 19 5.96 2.37 -2.46
CA PHE B 19 5.66 3.75 -2.08
C PHE B 19 6.76 4.28 -1.16
N THR B 20 7.61 5.15 -1.70
CA THR B 20 8.71 5.75 -0.94
C THR B 20 8.58 7.26 -0.83
N CYS B 21 9.29 7.85 0.14
CA CYS B 21 9.27 9.30 0.37
C CYS B 21 10.69 9.83 0.49
N GLY B 22 10.94 10.97 -0.13
CA GLY B 22 12.28 11.55 -0.05
C GLY B 22 13.11 11.28 -1.29
N GLU B 23 13.77 12.33 -1.77
CA GLU B 23 14.61 12.25 -2.96
C GLU B 23 15.69 11.17 -2.89
N ASP B 24 16.18 10.89 -1.69
CA ASP B 24 17.24 9.91 -1.51
C ASP B 24 16.79 8.45 -1.51
N VAL B 25 15.48 8.23 -1.57
CA VAL B 25 14.92 6.87 -1.60
C VAL B 25 14.36 6.65 -3.01
N ASP B 26 14.84 5.62 -3.68
CA ASP B 26 14.43 5.31 -5.05
C ASP B 26 13.56 4.06 -5.12
N PRO B 27 12.28 4.22 -5.45
CA PRO B 27 11.46 3.00 -5.50
C PRO B 27 11.86 2.09 -6.66
N TRP B 28 12.50 2.65 -7.69
CA TRP B 28 12.88 1.83 -8.82
C TRP B 28 13.96 0.78 -8.52
N LYS B 29 14.78 0.91 -7.48
CA LYS B 29 15.77 -0.16 -7.24
C LYS B 29 14.93 -1.29 -6.55
N ALA B 30 13.95 -0.92 -5.73
CA ALA B 30 13.16 -1.96 -5.07
C ALA B 30 12.53 -2.73 -6.22
N PHE B 31 12.01 -2.03 -7.22
CA PHE B 31 11.40 -2.68 -8.39
C PHE B 31 12.40 -3.62 -9.07
N GLU B 32 13.58 -3.08 -9.35
CA GLU B 32 14.62 -3.85 -10.02
C GLU B 32 14.97 -5.14 -9.29
N HIS B 33 15.09 -5.06 -7.97
CA HIS B 33 15.41 -6.25 -7.18
C HIS B 33 14.28 -7.29 -7.19
N LEU B 34 13.03 -6.84 -7.09
CA LEU B 34 11.88 -7.74 -7.10
C LEU B 34 11.63 -8.38 -8.46
N LYS B 35 11.71 -7.63 -9.55
CA LYS B 35 11.52 -8.19 -10.87
C LYS B 35 12.51 -9.39 -11.01
N LYS B 36 13.76 -9.17 -10.54
CA LYS B 36 14.81 -10.22 -10.58
C LYS B 36 14.51 -11.43 -9.70
N ALA B 37 14.21 -11.16 -8.43
CA ALA B 37 13.92 -12.20 -7.46
C ALA B 37 12.67 -13.04 -7.79
N LEU B 38 11.64 -12.42 -8.39
CA LEU B 38 10.42 -13.15 -8.73
C LEU B 38 10.43 -13.65 -10.16
N LYS B 39 11.45 -13.23 -10.91
CA LYS B 39 11.61 -13.67 -12.29
C LYS B 39 10.37 -13.35 -13.19
N ALA B 40 9.78 -12.19 -12.95
CA ALA B 40 8.63 -11.80 -13.77
C ALA B 40 9.07 -11.62 -15.24
N LYS B 41 8.27 -12.12 -16.18
CA LYS B 41 8.61 -12.00 -17.61
C LYS B 41 7.88 -10.84 -18.26
N ARG B 42 6.98 -10.22 -17.53
CA ARG B 42 6.24 -9.14 -18.12
C ARG B 42 5.71 -8.26 -16.96
N VAL B 43 5.81 -6.93 -17.12
CA VAL B 43 5.34 -6.07 -16.02
C VAL B 43 4.64 -4.83 -16.56
N HIS B 44 3.81 -4.24 -15.71
CA HIS B 44 3.10 -3.02 -16.05
C HIS B 44 3.23 -2.17 -14.79
N VAL B 45 3.73 -0.95 -14.94
CA VAL B 45 3.92 -0.09 -13.79
C VAL B 45 3.39 1.33 -13.96
N VAL B 46 2.65 1.80 -12.96
CA VAL B 46 2.09 3.14 -12.94
C VAL B 46 2.82 3.92 -11.86
N GLU B 47 3.34 5.10 -12.18
CA GLU B 47 4.03 5.89 -11.16
C GLU B 47 3.20 7.10 -10.74
N HIS B 48 2.82 7.12 -9.48
CA HIS B 48 2.03 8.21 -8.91
C HIS B 48 2.91 9.13 -8.07
N GLU B 49 2.59 10.42 -8.10
CA GLU B 49 3.28 11.40 -7.28
C GLU B 49 2.31 11.59 -6.12
N ARG B 50 2.64 11.10 -4.94
CA ARG B 50 1.74 11.25 -3.80
C ARG B 50 2.06 12.53 -3.05
N GLY B 51 1.03 13.33 -2.77
CA GLY B 51 1.22 14.58 -2.05
C GLY B 51 2.04 15.58 -2.86
N ARG B 52 1.54 15.94 -4.03
CA ARG B 52 2.21 16.91 -4.90
C ARG B 52 2.30 18.23 -4.15
N TYR B 53 3.47 18.86 -4.22
CA TYR B 53 3.68 20.13 -3.54
C TYR B 53 2.64 21.19 -3.85
N ASP B 54 2.26 21.30 -5.12
CA ASP B 54 1.28 22.30 -5.55
C ASP B 54 -0.15 21.99 -5.09
N GLU B 55 -0.40 20.74 -4.72
CA GLU B 55 -1.73 20.33 -4.25
C GLU B 55 -1.90 20.55 -2.76
N ILE B 56 -0.86 20.24 -2.00
CA ILE B 56 -0.91 20.42 -0.56
C ILE B 56 -0.72 21.88 -0.14
N GLY B 57 0.48 22.40 -0.34
CA GLY B 57 0.75 23.78 0.02
C GLY B 57 2.22 24.05 0.28
N ILE B 58 2.97 24.14 -0.81
CA ILE B 58 4.41 24.40 -0.72
C ILE B 58 4.77 25.74 -1.38
N PRO B 59 4.23 26.00 -2.58
CA PRO B 59 4.52 27.25 -3.28
C PRO B 59 3.70 28.41 -2.72
N LYS C 2 -13.88 -9.40 -12.79
CA LYS C 2 -13.14 -8.84 -13.92
C LYS C 2 -11.64 -8.80 -13.63
N SER C 3 -11.29 -8.40 -12.41
CA SER C 3 -9.91 -8.31 -12.01
C SER C 3 -9.95 -8.91 -10.63
N LEU C 4 -8.80 -9.40 -10.18
CA LEU C 4 -8.70 -10.02 -8.87
C LEU C 4 -8.98 -9.03 -7.76
N GLY C 5 -8.53 -7.79 -7.93
CA GLY C 5 -8.76 -6.80 -6.90
C GLY C 5 -9.09 -5.43 -7.44
N ARG C 6 -9.63 -4.61 -6.55
CA ARG C 6 -10.00 -3.23 -6.84
C ARG C 6 -9.10 -2.41 -5.93
N HIS C 7 -8.44 -1.39 -6.49
CA HIS C 7 -7.51 -0.59 -5.70
C HIS C 7 -7.70 0.92 -5.82
N LEU C 8 -8.08 1.55 -4.71
CA LEU C 8 -8.28 2.99 -4.68
C LEU C 8 -7.02 3.67 -4.14
N VAL C 9 -6.48 4.60 -4.94
CA VAL C 9 -5.31 5.36 -4.53
C VAL C 9 -5.89 6.74 -4.27
N ALA C 10 -5.97 7.12 -3.01
CA ALA C 10 -6.57 8.39 -2.65
C ALA C 10 -5.65 9.41 -2.01
N GLU C 11 -5.91 10.67 -2.35
CA GLU C 11 -5.18 11.82 -1.82
C GLU C 11 -6.20 12.60 -0.98
N PHE C 12 -5.93 12.76 0.31
CA PHE C 12 -6.83 13.50 1.20
C PHE C 12 -6.17 14.84 1.58
N TYR C 13 -6.84 15.93 1.26
CA TYR C 13 -6.31 17.27 1.54
C TYR C 13 -7.12 18.00 2.60
N GLU C 14 -6.46 18.93 3.28
CA GLU C 14 -7.10 19.74 4.32
C GLU C 14 -7.88 18.90 5.32
N CYS C 15 -7.19 17.94 5.94
CA CYS C 15 -7.81 17.08 6.93
C CYS C 15 -7.70 17.74 8.31
N ASP C 16 -8.31 17.11 9.30
CA ASP C 16 -8.23 17.60 10.66
C ASP C 16 -6.82 17.21 11.09
N ARG C 17 -5.93 18.18 11.19
CA ARG C 17 -4.54 17.91 11.54
C ARG C 17 -4.37 17.21 12.89
N GLU C 18 -5.25 17.50 13.86
CA GLU C 18 -5.15 16.85 15.15
C GLU C 18 -5.44 15.36 14.97
N VAL C 19 -6.42 15.05 14.14
CA VAL C 19 -6.79 13.66 13.90
C VAL C 19 -5.67 12.94 13.13
N LEU C 20 -5.00 13.65 12.22
CA LEU C 20 -3.93 13.08 11.43
C LEU C 20 -2.70 12.70 12.24
N ASP C 21 -2.50 13.40 13.37
CA ASP C 21 -1.34 13.12 14.21
C ASP C 21 -1.70 12.33 15.45
N ASN C 22 -2.81 11.60 15.39
CA ASN C 22 -3.26 10.77 16.50
C ASN C 22 -3.16 9.32 16.06
N VAL C 23 -2.07 8.67 16.45
CA VAL C 23 -1.83 7.28 16.08
C VAL C 23 -2.88 6.29 16.56
N GLN C 24 -3.46 6.52 17.73
CA GLN C 24 -4.46 5.61 18.25
C GLN C 24 -5.78 5.73 17.50
N LEU C 25 -6.21 6.97 17.26
CA LEU C 25 -7.45 7.20 16.55
C LEU C 25 -7.35 6.61 15.14
N ILE C 26 -6.27 6.93 14.43
CA ILE C 26 -6.08 6.42 13.08
C ILE C 26 -6.22 4.90 13.04
N GLU C 27 -5.64 4.20 14.02
CA GLU C 27 -5.74 2.75 14.06
C GLU C 27 -7.21 2.34 14.21
N GLN C 28 -7.95 3.04 15.05
CA GLN C 28 -9.35 2.72 15.26
C GLN C 28 -10.15 2.88 13.96
N GLU C 29 -10.04 4.05 13.34
CA GLU C 29 -10.76 4.32 12.11
C GLU C 29 -10.35 3.38 10.98
N MET C 30 -9.05 3.19 10.78
CA MET C 30 -8.57 2.32 9.71
C MET C 30 -9.15 0.93 9.87
N LYS C 31 -9.24 0.47 11.10
CA LYS C 31 -9.77 -0.86 11.37
C LYS C 31 -11.31 -0.82 11.12
N GLN C 32 -12.01 0.26 11.52
CA GLN C 32 -13.46 0.25 11.27
C GLN C 32 -13.69 0.30 9.74
N ALA C 33 -12.85 1.05 9.05
CA ALA C 33 -12.95 1.18 7.61
C ALA C 33 -12.88 -0.21 7.00
N ALA C 34 -12.01 -1.05 7.55
CA ALA C 34 -11.86 -2.42 7.05
C ALA C 34 -13.16 -3.19 7.28
N TYR C 35 -13.76 -3.00 8.44
CA TYR C 35 -15.01 -3.67 8.76
C TYR C 35 -16.09 -3.18 7.80
N GLU C 36 -16.19 -1.87 7.64
CA GLU C 36 -17.19 -1.27 6.77
C GLU C 36 -17.13 -1.80 5.35
N SER C 37 -15.93 -2.14 4.90
CA SER C 37 -15.79 -2.63 3.55
C SER C 37 -16.19 -4.11 3.44
N GLY C 38 -16.32 -4.85 4.54
CA GLY C 38 -16.74 -6.23 4.34
C GLY C 38 -15.57 -7.21 4.41
N ALA C 39 -14.36 -6.65 4.50
CA ALA C 39 -13.15 -7.44 4.58
C ALA C 39 -12.88 -8.06 5.95
N THR C 40 -12.06 -9.12 5.92
CA THR C 40 -11.63 -9.76 7.16
C THR C 40 -10.21 -9.27 7.42
N ILE C 41 -9.96 -8.78 8.63
CA ILE C 41 -8.63 -8.29 8.99
C ILE C 41 -7.74 -9.44 9.42
N VAL C 42 -6.53 -9.47 8.87
CA VAL C 42 -5.55 -10.51 9.20
C VAL C 42 -4.69 -9.97 10.33
N THR C 43 -4.13 -8.79 10.12
CA THR C 43 -3.29 -8.14 11.11
C THR C 43 -3.21 -6.66 10.78
N SER C 44 -2.69 -5.86 11.70
CA SER C 44 -2.56 -4.42 11.48
C SER C 44 -1.39 -3.88 12.28
N THR C 45 -0.65 -2.96 11.69
CA THR C 45 0.48 -2.37 12.39
C THR C 45 0.51 -0.86 12.16
N PHE C 46 0.50 -0.12 13.25
CA PHE C 46 0.51 1.33 13.21
C PHE C 46 1.72 1.89 13.93
N HIS C 47 2.30 2.95 13.36
CA HIS C 47 3.49 3.56 13.94
C HIS C 47 3.34 5.07 13.87
N ARG C 48 3.95 5.78 14.82
CA ARG C 48 3.87 7.23 14.81
C ARG C 48 5.26 7.84 14.69
N PHE C 49 5.37 8.84 13.82
CA PHE C 49 6.64 9.52 13.59
C PHE C 49 6.73 10.79 14.41
N LEU C 50 7.93 11.34 14.47
CA LEU C 50 8.17 12.56 15.23
C LEU C 50 8.86 13.56 14.31
N PRO C 51 8.62 14.87 14.50
CA PRO C 51 7.72 15.46 15.51
C PRO C 51 6.23 15.17 15.31
N TYR C 52 5.87 14.63 14.14
CA TYR C 52 4.48 14.31 13.85
C TYR C 52 4.36 13.43 12.62
N GLY C 53 3.21 12.78 12.49
CA GLY C 53 2.98 11.90 11.35
C GLY C 53 2.61 10.51 11.80
N VAL C 54 1.72 9.85 11.05
CA VAL C 54 1.29 8.50 11.37
C VAL C 54 1.30 7.62 10.13
N SER C 55 1.65 6.36 10.32
CA SER C 55 1.67 5.38 9.23
C SER C 55 0.95 4.16 9.76
N GLY C 56 0.08 3.58 8.94
CA GLY C 56 -0.65 2.40 9.37
C GLY C 56 -1.00 1.49 8.22
N VAL C 57 -1.02 0.19 8.49
CA VAL C 57 -1.34 -0.78 7.48
C VAL C 57 -2.25 -1.87 8.05
N VAL C 58 -3.30 -2.18 7.31
CA VAL C 58 -4.25 -3.21 7.72
C VAL C 58 -4.26 -4.28 6.63
N VAL C 59 -3.75 -5.47 6.96
CA VAL C 59 -3.74 -6.57 6.01
C VAL C 59 -5.09 -7.27 6.05
N ILE C 60 -5.68 -7.51 4.89
CA ILE C 60 -6.98 -8.17 4.80
C ILE C 60 -7.02 -9.43 3.92
N SER C 61 -8.20 -10.03 3.87
CA SER C 61 -8.52 -11.19 3.08
C SER C 61 -10.04 -11.15 2.74
N GLU C 62 -10.54 -12.00 1.89
CA GLU C 62 -11.95 -12.36 1.86
C GLU C 62 -12.28 -13.43 2.89
C PYR D 1 -4.68 -6.28 1.46
OXT PYR D 1 -4.41 -6.84 2.53
CA PYR D 1 -5.12 -7.14 0.36
CB PYR D 1 -5.46 -6.50 -0.97
N HIS D 2 -4.60 -4.91 1.23
CA HIS D 2 -4.20 -4.06 2.34
C HIS D 2 -5.04 -2.78 2.39
N LEU D 3 -5.07 -2.14 3.55
CA LEU D 3 -5.61 -0.79 3.68
C LEU D 3 -4.57 0.07 4.41
N THR D 4 -3.99 1.05 3.71
CA THR D 4 -2.86 1.77 4.29
C THR D 4 -3.11 3.25 4.39
N ILE D 5 -2.40 3.90 5.30
CA ILE D 5 -2.51 5.33 5.51
C ILE D 5 -1.18 5.92 5.95
N HIS D 6 -0.87 7.10 5.42
CA HIS D 6 0.36 7.81 5.75
C HIS D 6 -0.02 9.27 5.86
N THR D 7 0.12 9.83 7.06
CA THR D 7 -0.26 11.22 7.30
C THR D 7 0.88 12.22 7.42
N TRP D 8 0.59 13.44 6.99
CA TRP D 8 1.52 14.56 7.06
C TRP D 8 0.74 15.68 7.75
N PRO D 9 0.53 15.56 9.07
CA PRO D 9 -0.22 16.56 9.84
C PRO D 9 0.18 18.00 9.53
N GLU D 10 1.48 18.22 9.32
CA GLU D 10 1.98 19.56 9.03
C GLU D 10 1.38 20.13 7.74
N TYR D 11 0.80 19.26 6.92
CA TYR D 11 0.21 19.69 5.66
C TYR D 11 -1.28 19.37 5.55
N GLY D 12 -1.82 18.71 6.57
CA GLY D 12 -3.22 18.33 6.56
C GLY D 12 -3.48 17.34 5.43
N TYR D 13 -2.43 16.63 5.06
CA TYR D 13 -2.49 15.66 3.97
C TYR D 13 -2.39 14.20 4.41
N ALA D 14 -3.07 13.33 3.69
CA ALA D 14 -3.02 11.91 3.99
C ALA D 14 -3.06 11.09 2.70
N ALA D 15 -2.10 10.18 2.57
CA ALA D 15 -2.00 9.30 1.41
C ALA D 15 -2.66 8.00 1.84
N ILE D 16 -3.81 7.68 1.25
CA ILE D 16 -4.56 6.48 1.60
C ILE D 16 -4.68 5.50 0.44
N ASP D 17 -4.52 4.21 0.73
CA ASP D 17 -4.64 3.17 -0.29
C ASP D 17 -5.64 2.11 0.18
N LEU D 18 -6.61 1.81 -0.65
CA LEU D 18 -7.63 0.82 -0.32
C LEU D 18 -7.66 -0.25 -1.40
N PHE D 19 -6.91 -1.33 -1.17
CA PHE D 19 -6.78 -2.45 -2.12
C PHE D 19 -7.55 -3.65 -1.56
N THR D 20 -8.64 -4.01 -2.24
CA THR D 20 -9.48 -5.13 -1.81
C THR D 20 -9.67 -6.17 -2.90
N CYS D 21 -9.99 -7.39 -2.50
CA CYS D 21 -10.23 -8.49 -3.42
C CYS D 21 -11.58 -9.15 -3.15
N GLY D 22 -12.27 -9.59 -4.18
CA GLY D 22 -13.54 -10.22 -3.92
C GLY D 22 -14.67 -9.27 -4.22
N GLU D 23 -15.70 -9.91 -4.70
CA GLU D 23 -16.94 -9.33 -5.12
C GLU D 23 -17.66 -8.87 -3.89
N ASP D 24 -17.27 -9.51 -2.81
CA ASP D 24 -18.02 -9.14 -1.72
C ASP D 24 -17.33 -8.18 -0.80
N VAL D 25 -16.32 -7.46 -1.30
CA VAL D 25 -15.70 -6.49 -0.44
C VAL D 25 -15.68 -5.17 -1.24
N ASP D 26 -16.11 -4.07 -0.61
CA ASP D 26 -16.20 -2.80 -1.34
C ASP D 26 -15.25 -1.76 -0.77
N PRO D 27 -14.20 -1.40 -1.53
CA PRO D 27 -13.24 -0.40 -1.05
C PRO D 27 -13.84 0.99 -0.89
N TRP D 28 -14.92 1.28 -1.60
CA TRP D 28 -15.52 2.62 -1.48
C TRP D 28 -16.20 2.82 -0.14
N LYS D 29 -16.52 1.72 0.51
CA LYS D 29 -17.16 1.86 1.81
C LYS D 29 -16.06 2.27 2.80
N ALA D 30 -14.83 1.75 2.58
CA ALA D 30 -13.72 2.08 3.47
C ALA D 30 -13.46 3.58 3.28
N PHE D 31 -13.41 3.99 2.01
CA PHE D 31 -13.17 5.37 1.64
C PHE D 31 -14.14 6.31 2.38
N GLU D 32 -15.44 6.01 2.26
CA GLU D 32 -16.47 6.83 2.88
C GLU D 32 -16.25 7.04 4.37
N HIS D 33 -15.90 5.97 5.08
CA HIS D 33 -15.66 6.03 6.52
C HIS D 33 -14.47 6.93 6.87
N LEU D 34 -13.38 6.79 6.12
CA LEU D 34 -12.18 7.59 6.37
C LEU D 34 -12.40 9.05 6.02
N LYS D 35 -13.09 9.31 4.90
CA LYS D 35 -13.35 10.69 4.51
C LYS D 35 -14.03 11.37 5.69
N LYS D 36 -14.96 10.66 6.33
CA LYS D 36 -15.69 11.18 7.48
C LYS D 36 -14.79 11.35 8.69
N ALA D 37 -14.03 10.30 9.01
CA ALA D 37 -13.15 10.31 10.17
C ALA D 37 -12.05 11.36 10.12
N LEU D 38 -11.49 11.59 8.94
CA LEU D 38 -10.42 12.58 8.79
C LEU D 38 -10.90 13.98 8.48
N LYS D 39 -12.18 14.12 8.14
CA LYS D 39 -12.74 15.42 7.83
C LYS D 39 -12.01 16.05 6.65
N ALA D 40 -11.72 15.25 5.64
CA ALA D 40 -11.05 15.76 4.45
C ALA D 40 -11.96 16.73 3.76
N LYS D 41 -11.37 17.79 3.21
CA LYS D 41 -12.14 18.80 2.55
C LYS D 41 -12.05 18.67 1.02
N ARG D 42 -10.99 17.97 0.62
CA ARG D 42 -10.81 17.82 -0.83
C ARG D 42 -10.17 16.46 -1.02
N VAL D 43 -10.70 15.69 -1.95
CA VAL D 43 -10.14 14.38 -2.21
C VAL D 43 -9.99 14.07 -3.68
N HIS D 44 -8.98 13.26 -3.98
CA HIS D 44 -8.72 12.81 -5.34
C HIS D 44 -8.52 11.32 -5.22
N VAL D 45 -9.29 10.55 -6.00
CA VAL D 45 -9.21 9.11 -5.96
C VAL D 45 -9.13 8.48 -7.34
N VAL D 46 -8.19 7.57 -7.53
CA VAL D 46 -8.06 6.86 -8.78
C VAL D 46 -8.31 5.38 -8.49
N GLU D 47 -9.15 4.75 -9.28
CA GLU D 47 -9.42 3.33 -9.06
C GLU D 47 -8.66 2.49 -10.08
N HIS D 48 -7.85 1.57 -9.56
CA HIS D 48 -7.06 0.66 -10.37
C HIS D 48 -7.65 -0.75 -10.33
N GLU D 49 -7.49 -1.47 -11.43
CA GLU D 49 -7.92 -2.86 -11.48
C GLU D 49 -6.60 -3.58 -11.28
N ARG D 50 -6.50 -4.42 -10.27
CA ARG D 50 -5.27 -5.16 -10.03
C ARG D 50 -5.51 -6.59 -10.47
N GLY D 51 -4.62 -7.13 -11.30
CA GLY D 51 -4.77 -8.49 -11.79
C GLY D 51 -5.95 -8.69 -12.72
N ARG D 52 -5.99 -7.93 -13.82
CA ARG D 52 -7.07 -8.04 -14.78
C ARG D 52 -7.12 -9.47 -15.33
N TYR D 53 -8.31 -10.07 -15.31
CA TYR D 53 -8.46 -11.43 -15.80
C TYR D 53 -7.90 -11.63 -17.20
N ASP D 54 -8.14 -10.68 -18.10
CA ASP D 54 -7.66 -10.79 -19.47
C ASP D 54 -6.15 -10.63 -19.56
N GLU D 55 -5.52 -10.30 -18.43
CA GLU D 55 -4.08 -10.12 -18.38
C GLU D 55 -3.34 -11.29 -17.72
N ILE D 56 -3.97 -11.93 -16.73
CA ILE D 56 -3.33 -13.05 -16.06
C ILE D 56 -3.71 -14.39 -16.66
N SMM E . 6.23 5.35 4.43
CA SMM E . 6.46 6.78 4.44
CB SMM E . 6.15 7.31 5.82
CG SMM E . 5.40 8.65 5.68
SD SMM E . 5.23 9.38 7.18
CE SMM E . 3.98 8.83 7.81
C5' SMM E . 5.07 11.05 6.95
C4' SMM E . 4.94 11.83 8.27
O4' SMM E . 6.01 11.41 9.15
C1' SMM E . 6.81 12.51 9.52
N9 SMM E . 8.18 12.05 9.66
C4 SMM E . 8.89 11.31 8.73
N3 SMM E . 8.45 10.88 7.51
C2 SMM E . 9.40 10.17 6.85
N1 SMM E . 10.65 9.89 7.28
C6 SMM E . 11.07 10.35 8.52
N6 SMM E . 12.30 10.05 8.93
C5 SMM E . 10.14 11.10 9.31
N7 SMM E . 10.22 11.70 10.56
C8 SMM E . 9.03 12.24 10.72
C2' SMM E . 6.59 13.56 8.43
O2' SMM E . 6.96 14.85 8.86
C3' SMM E . 5.11 13.35 8.13
O3' SMM E . 4.29 14.00 9.12
C SMM E . 7.99 7.12 4.02
O SMM E . 8.61 8.07 4.61
OXT SMM E . 8.48 6.43 3.03
CXT SMM E . 9.79 6.25 2.92
N SMM F . -5.22 -8.44 0.56
CA SMM F . -5.65 -9.44 -0.39
CB SMM F . -4.89 -10.72 -0.12
CG SMM F . -4.56 -11.40 -1.47
SD SMM F . -3.98 -12.96 -1.26
CE SMM F . -2.53 -12.84 -0.87
C5' SMM F . -4.13 -13.80 -2.72
C4' SMM F . -3.65 -15.25 -2.67
O4' SMM F . -4.18 -15.85 -1.45
C1' SMM F . -4.98 -16.98 -1.76
N9 SMM F . -6.09 -17.03 -0.80
C4 SMM F . -6.95 -16.00 -0.50
N3 SMM F . -6.95 -14.74 -1.03
C2 SMM F . -7.93 -13.98 -0.51
N1 SMM F . -8.84 -14.33 0.43
C6 SMM F . -8.82 -15.61 0.94
N6 SMM F . -9.73 -15.93 1.85
C5 SMM F . -7.83 -16.51 0.46
N7 SMM F . -7.52 -17.83 0.75
C8 SMM F . -6.49 -18.09 -0.03
C2' SMM F . -5.41 -16.77 -3.23
O2' SMM F . -5.83 -17.97 -3.84
C3' SMM F . -4.16 -16.14 -3.81
O3' SMM F . -3.21 -17.15 -4.12
C SMM F . -7.21 -9.66 -0.25
O SMM F . -7.69 -10.83 -0.37
OXT SMM F . -7.92 -8.60 -0.08
CXT SMM F . -9.09 -8.69 0.51
#